data_4I29
#
_entry.id   4I29
#
_cell.length_a   46.755
_cell.length_b   84.923
_cell.length_c   115.141
_cell.angle_alpha   90.00
_cell.angle_beta   90.00
_cell.angle_gamma   90.00
#
_symmetry.space_group_name_H-M   'P 21 21 21'
#
loop_
_entity.id
_entity.type
_entity.pdbx_description
1 polymer 'DNA nucleotidylexotransferase'
2 polymer "5'-D(*AP*AP*(8BA)P*AP*A)-3'"
3 non-polymer 'SODIUM ION'
4 non-polymer 'MANGANESE (II) ION'
5 water water
#
loop_
_entity_poly.entity_id
_entity_poly.type
_entity_poly.pdbx_seq_one_letter_code
_entity_poly.pdbx_strand_id
1 'polypeptide(L)'
;MGSSHHHHHHSSGLVPRGSHMSPSPVPGSQNVPAPAVKKISQYACQRRTTLNNYNQLFTDALDILAENDELRENEGSCLA
FMRASSVLKSLPFPITSMKDTEGIPCLGDKVKSIIEGIIEDGESSEAKAVLNDERYKSFKLFTSVFGVGLKTAEKWFRMG
FRTLSKIQSDKSLRFTQMQKAGFLYYEDLVSCVNRPEAEAVSMLVKEAVVTFLPDALVTMTGGFRRGKMTGHDVDFLITS
PEATEDEEQQLLHKVTDFWKQQGLLLYCDILESTFEKFKQPSRKVDALDHFQKCFLILKLDHGRVHSEKSGQQEGKGWKA
IRVDLVMCPYDRRAFALLGWTGSRQFERDLRRYATHERKMMLDNHALYDRTKRVFLEAESEEEIFAHLGLDYIEPWERNA
;
A
2 'polydeoxyribonucleotide' (DA)(DA)(8BA)(DA)(DA) C
#
# COMPACT_ATOMS: atom_id res chain seq x y z
N LYS A 39 -21.72 18.67 -2.73
CA LYS A 39 -22.18 17.28 -2.61
C LYS A 39 -21.00 16.29 -2.74
N ILE A 40 -20.68 15.60 -1.63
CA ILE A 40 -19.59 14.65 -1.53
C ILE A 40 -19.82 13.45 -2.46
N SER A 41 -18.82 13.18 -3.33
CA SER A 41 -18.89 12.04 -4.24
C SER A 41 -18.71 10.72 -3.49
N GLN A 42 -19.29 9.67 -4.04
CA GLN A 42 -19.12 8.30 -3.54
C GLN A 42 -17.73 7.75 -3.90
N TYR A 43 -16.99 8.45 -4.81
CA TYR A 43 -15.67 8.01 -5.26
C TYR A 43 -14.53 8.75 -4.55
N ALA A 44 -13.56 8.03 -3.99
CA ALA A 44 -12.37 8.62 -3.33
C ALA A 44 -11.57 9.49 -4.31
N CYS A 45 -11.56 9.13 -5.63
CA CYS A 45 -10.84 9.88 -6.67
C CYS A 45 -11.53 11.22 -6.97
N GLN A 46 -12.74 11.47 -6.42
CA GLN A 46 -13.42 12.78 -6.55
C GLN A 46 -13.48 13.49 -5.19
N ARG A 47 -12.64 13.05 -4.23
CA ARG A 47 -12.54 13.65 -2.90
C ARG A 47 -11.11 13.98 -2.62
N ARG A 48 -10.89 14.98 -1.77
CA ARG A 48 -9.55 15.32 -1.29
C ARG A 48 -9.44 14.76 0.12
N THR A 49 -8.52 13.81 0.35
CA THR A 49 -8.38 13.16 1.64
C THR A 49 -6.98 13.39 2.16
N THR A 50 -6.86 14.28 3.13
CA THR A 50 -5.58 14.72 3.70
C THR A 50 -5.35 14.01 5.03
N LEU A 51 -4.13 14.11 5.57
CA LEU A 51 -3.73 13.40 6.79
C LEU A 51 -4.36 13.95 8.08
N ASN A 52 -5.00 15.12 8.02
CA ASN A 52 -5.72 15.64 9.20
C ASN A 52 -7.12 14.96 9.24
N ASN A 53 -7.16 13.74 9.76
CA ASN A 53 -8.41 12.99 9.93
C ASN A 53 -9.13 13.45 11.21
N TYR A 54 -10.29 14.11 11.06
CA TYR A 54 -11.07 14.61 12.21
C TYR A 54 -12.01 13.52 12.77
N ASN A 55 -12.05 12.35 12.14
CA ASN A 55 -13.01 11.30 12.50
C ASN A 55 -12.34 9.98 12.81
N GLN A 56 -11.14 10.01 13.41
CA GLN A 56 -10.38 8.79 13.74
C GLN A 56 -11.14 7.85 14.70
N LEU A 57 -11.98 8.40 15.58
CA LEU A 57 -12.77 7.59 16.52
C LEU A 57 -13.72 6.66 15.73
N PHE A 58 -14.33 7.19 14.67
CA PHE A 58 -15.21 6.43 13.79
C PHE A 58 -14.45 5.56 12.82
N THR A 59 -13.43 6.11 12.13
CA THR A 59 -12.70 5.36 11.10
C THR A 59 -11.79 4.25 11.68
N ASP A 60 -11.21 4.42 12.88
CA ASP A 60 -10.42 3.32 13.43
C ASP A 60 -11.32 2.12 13.68
N ALA A 61 -12.56 2.36 14.18
CA ALA A 61 -13.53 1.30 14.45
C ALA A 61 -13.99 0.65 13.14
N LEU A 62 -14.29 1.47 12.12
CA LEU A 62 -14.72 0.97 10.81
C LEU A 62 -13.60 0.17 10.11
N ASP A 63 -12.32 0.61 10.26
CA ASP A 63 -11.16 -0.11 9.69
C ASP A 63 -10.97 -1.49 10.38
N ILE A 64 -11.26 -1.60 11.69
CA ILE A 64 -11.14 -2.87 12.43
C ILE A 64 -12.25 -3.83 11.96
N LEU A 65 -13.48 -3.31 11.83
CA LEU A 65 -14.60 -4.10 11.37
C LEU A 65 -14.37 -4.57 9.93
N ALA A 66 -13.80 -3.71 9.07
CA ALA A 66 -13.47 -4.06 7.68
C ALA A 66 -12.42 -5.18 7.63
N GLU A 67 -11.39 -5.09 8.47
CA GLU A 67 -10.30 -6.05 8.55
C GLU A 67 -10.80 -7.42 9.02
N ASN A 68 -11.72 -7.42 9.98
CA ASN A 68 -12.33 -8.64 10.48
C ASN A 68 -13.16 -9.30 9.40
N ASP A 69 -13.91 -8.51 8.61
CA ASP A 69 -14.71 -9.05 7.50
C ASP A 69 -13.79 -9.65 6.42
N GLU A 70 -12.57 -9.13 6.26
CA GLU A 70 -11.59 -9.65 5.32
C GLU A 70 -11.14 -11.03 5.79
N LEU A 71 -10.83 -11.15 7.10
CA LEU A 71 -10.43 -12.40 7.76
C LEU A 71 -11.54 -13.44 7.71
N ARG A 72 -12.82 -13.03 7.91
CA ARG A 72 -13.99 -13.90 7.90
C ARG A 72 -14.50 -14.18 6.46
N GLU A 73 -13.71 -13.75 5.45
CA GLU A 73 -13.96 -13.92 4.01
C GLU A 73 -15.27 -13.26 3.54
N ASN A 74 -15.74 -12.24 4.29
CA ASN A 74 -16.93 -11.50 3.94
C ASN A 74 -16.53 -10.22 3.16
N GLU A 75 -16.24 -10.40 1.87
CA GLU A 75 -15.80 -9.34 0.95
C GLU A 75 -16.80 -8.17 0.85
N GLY A 76 -18.10 -8.47 0.83
CA GLY A 76 -19.18 -7.48 0.74
C GLY A 76 -19.25 -6.53 1.91
N SER A 77 -19.27 -7.09 3.13
CA SER A 77 -19.32 -6.32 4.37
C SER A 77 -18.01 -5.54 4.55
N CYS A 78 -16.88 -6.14 4.12
CA CYS A 78 -15.54 -5.51 4.14
C CYS A 78 -15.56 -4.24 3.31
N LEU A 79 -16.08 -4.33 2.07
CA LEU A 79 -16.19 -3.22 1.14
C LEU A 79 -17.07 -2.10 1.69
N ALA A 80 -18.22 -2.44 2.29
CA ALA A 80 -19.14 -1.43 2.85
C ALA A 80 -18.46 -0.63 3.96
N PHE A 81 -17.72 -1.32 4.87
CA PHE A 81 -17.03 -0.62 5.95
C PHE A 81 -15.87 0.21 5.39
N MET A 82 -15.13 -0.29 4.36
CA MET A 82 -14.00 0.45 3.77
C MET A 82 -14.43 1.75 3.12
N ARG A 83 -15.57 1.74 2.41
CA ARG A 83 -16.10 2.91 1.71
C ARG A 83 -16.61 3.96 2.71
N ALA A 84 -17.23 3.52 3.81
CA ALA A 84 -17.74 4.37 4.87
C ALA A 84 -16.57 5.01 5.59
N SER A 85 -15.55 4.21 5.94
CA SER A 85 -14.35 4.74 6.60
C SER A 85 -13.67 5.79 5.70
N SER A 86 -13.54 5.48 4.41
CA SER A 86 -12.90 6.34 3.40
C SER A 86 -13.59 7.70 3.29
N VAL A 87 -14.93 7.71 3.17
CA VAL A 87 -15.66 8.97 3.03
C VAL A 87 -15.51 9.84 4.32
N LEU A 88 -15.51 9.22 5.51
CA LEU A 88 -15.37 10.00 6.75
C LEU A 88 -13.94 10.60 6.87
N LYS A 89 -12.93 9.90 6.32
CA LYS A 89 -11.56 10.37 6.30
C LYS A 89 -11.44 11.69 5.52
N SER A 90 -12.32 11.90 4.50
CA SER A 90 -12.33 13.10 3.66
C SER A 90 -12.98 14.32 4.32
N LEU A 91 -13.71 14.14 5.42
CA LEU A 91 -14.43 15.28 5.98
C LEU A 91 -13.52 16.36 6.57
N PRO A 92 -13.88 17.64 6.38
CA PRO A 92 -13.07 18.75 6.96
C PRO A 92 -13.46 19.07 8.42
N PHE A 93 -14.35 18.28 9.01
CA PHE A 93 -14.84 18.50 10.35
C PHE A 93 -15.16 17.15 11.04
N PRO A 94 -15.17 17.09 12.40
CA PRO A 94 -15.55 15.84 13.08
C PRO A 94 -17.05 15.65 13.17
N ILE A 95 -17.54 14.40 13.00
CA ILE A 95 -18.97 14.11 13.23
C ILE A 95 -19.19 14.20 14.75
N THR A 96 -20.18 14.99 15.23
CA THR A 96 -20.44 15.08 16.67
C THR A 96 -21.94 14.76 16.99
N SER A 97 -22.76 14.54 15.97
CA SER A 97 -24.17 14.14 16.13
C SER A 97 -24.58 13.38 14.88
N MET A 98 -25.69 12.63 14.94
CA MET A 98 -26.14 11.84 13.77
C MET A 98 -26.57 12.76 12.63
N LYS A 99 -27.07 13.97 12.95
CA LYS A 99 -27.46 14.98 11.95
C LYS A 99 -26.28 15.34 11.04
N ASP A 100 -25.05 15.33 11.56
CA ASP A 100 -23.85 15.60 10.76
C ASP A 100 -23.61 14.57 9.65
N THR A 101 -24.29 13.40 9.68
CA THR A 101 -24.09 12.37 8.65
C THR A 101 -25.04 12.56 7.44
N GLU A 102 -25.98 13.53 7.52
CA GLU A 102 -26.94 13.82 6.44
C GLU A 102 -26.23 14.29 5.16
N GLY A 103 -26.58 13.66 4.05
CA GLY A 103 -26.01 13.95 2.74
C GLY A 103 -24.69 13.26 2.46
N ILE A 104 -24.12 12.56 3.46
CA ILE A 104 -22.85 11.86 3.25
C ILE A 104 -23.14 10.49 2.60
N PRO A 105 -22.54 10.19 1.42
CA PRO A 105 -22.77 8.88 0.78
C PRO A 105 -22.02 7.76 1.49
N CYS A 106 -22.32 6.49 1.12
CA CYS A 106 -21.67 5.26 1.57
C CYS A 106 -21.86 4.99 3.05
N LEU A 107 -22.94 5.54 3.64
CA LEU A 107 -23.24 5.32 5.05
C LEU A 107 -24.57 4.58 5.18
N GLY A 108 -24.51 3.26 5.09
CA GLY A 108 -25.67 2.40 5.24
C GLY A 108 -26.17 2.32 6.67
N ASP A 109 -27.29 1.61 6.89
CA ASP A 109 -27.88 1.47 8.23
C ASP A 109 -26.93 0.82 9.25
N LYS A 110 -26.20 -0.24 8.87
CA LYS A 110 -25.24 -0.92 9.76
C LYS A 110 -24.15 0.06 10.19
N VAL A 111 -23.58 0.82 9.25
CA VAL A 111 -22.55 1.82 9.53
C VAL A 111 -23.10 2.93 10.45
N LYS A 112 -24.31 3.42 10.18
CA LYS A 112 -24.91 4.48 11.00
C LYS A 112 -25.16 4.02 12.44
N SER A 113 -25.47 2.71 12.68
CA SER A 113 -25.61 2.17 14.04
C SER A 113 -24.26 2.20 14.76
N ILE A 114 -23.16 1.92 14.04
CA ILE A 114 -21.82 1.96 14.61
C ILE A 114 -21.42 3.41 14.98
N ILE A 115 -21.68 4.38 14.07
CA ILE A 115 -21.40 5.80 14.33
C ILE A 115 -22.20 6.27 15.57
N GLU A 116 -23.51 5.91 15.63
CA GLU A 116 -24.38 6.26 16.75
C GLU A 116 -23.81 5.75 18.09
N GLY A 117 -23.34 4.51 18.12
CA GLY A 117 -22.77 3.90 19.32
C GLY A 117 -21.52 4.60 19.81
N ILE A 118 -20.67 5.10 18.87
CA ILE A 118 -19.43 5.82 19.19
C ILE A 118 -19.79 7.22 19.73
N ILE A 119 -20.80 7.90 19.14
CA ILE A 119 -21.26 9.21 19.62
C ILE A 119 -21.77 9.06 21.07
N GLU A 120 -22.47 7.93 21.36
CA GLU A 120 -23.05 7.62 22.66
C GLU A 120 -22.03 7.66 23.83
N ASP A 121 -20.91 6.90 23.75
CA ASP A 121 -19.93 6.83 24.85
C ASP A 121 -18.45 6.85 24.41
N GLY A 122 -18.18 7.31 23.19
CA GLY A 122 -16.84 7.41 22.64
C GLY A 122 -16.17 6.11 22.23
N GLU A 123 -16.89 4.98 22.32
CA GLU A 123 -16.37 3.65 21.96
C GLU A 123 -17.29 2.89 21.03
N SER A 124 -16.71 1.95 20.27
CA SER A 124 -17.48 1.04 19.44
C SER A 124 -17.50 -0.32 20.11
N SER A 125 -18.68 -0.77 20.56
CA SER A 125 -18.80 -2.08 21.20
C SER A 125 -18.48 -3.20 20.19
N GLU A 126 -18.86 -2.99 18.91
CA GLU A 126 -18.61 -3.93 17.80
C GLU A 126 -17.11 -4.09 17.53
N ALA A 127 -16.36 -2.96 17.43
CA ALA A 127 -14.91 -2.98 17.18
C ALA A 127 -14.16 -3.55 18.42
N LYS A 128 -14.66 -3.24 19.65
CA LYS A 128 -14.11 -3.75 20.91
C LYS A 128 -14.22 -5.31 20.96
N ALA A 129 -15.37 -5.86 20.52
CA ALA A 129 -15.58 -7.31 20.45
C ALA A 129 -14.62 -7.97 19.42
N VAL A 130 -14.31 -7.28 18.31
CA VAL A 130 -13.36 -7.79 17.30
C VAL A 130 -11.92 -7.81 17.90
N LEU A 131 -11.54 -6.74 18.60
CA LEU A 131 -10.23 -6.60 19.23
C LEU A 131 -9.98 -7.66 20.30
N ASN A 132 -11.06 -8.21 20.89
CA ASN A 132 -11.03 -9.25 21.92
C ASN A 132 -11.24 -10.65 21.33
N ASP A 133 -11.62 -10.77 20.03
CA ASP A 133 -11.83 -12.05 19.36
C ASP A 133 -10.49 -12.75 19.15
N GLU A 134 -10.40 -14.03 19.53
CA GLU A 134 -9.17 -14.81 19.47
C GLU A 134 -8.69 -15.06 18.07
N ARG A 135 -9.59 -15.32 17.11
CA ARG A 135 -9.21 -15.53 15.71
C ARG A 135 -8.68 -14.22 15.12
N TYR A 136 -9.35 -13.07 15.39
CA TYR A 136 -8.88 -11.79 14.88
C TYR A 136 -7.50 -11.47 15.43
N LYS A 137 -7.30 -11.59 16.76
CA LYS A 137 -6.02 -11.30 17.41
C LYS A 137 -4.90 -12.15 16.83
N SER A 138 -5.14 -13.47 16.64
CA SER A 138 -4.16 -14.38 16.06
C SER A 138 -3.83 -14.03 14.63
N PHE A 139 -4.83 -13.71 13.81
CA PHE A 139 -4.59 -13.36 12.41
C PHE A 139 -3.78 -12.07 12.29
N LYS A 140 -4.07 -11.04 13.13
CA LYS A 140 -3.29 -9.81 13.12
C LYS A 140 -1.86 -10.07 13.52
N LEU A 141 -1.68 -10.81 14.63
CA LEU A 141 -0.35 -11.10 15.15
C LEU A 141 0.48 -11.95 14.15
N PHE A 142 -0.09 -13.02 13.61
CA PHE A 142 0.65 -13.91 12.71
C PHE A 142 0.97 -13.24 11.37
N THR A 143 0.01 -12.49 10.77
CA THR A 143 0.28 -11.83 9.48
C THR A 143 1.18 -10.60 9.62
N SER A 144 1.48 -10.16 10.86
CA SER A 144 2.41 -9.05 11.11
C SER A 144 3.85 -9.50 10.78
N VAL A 145 4.05 -10.82 10.60
CA VAL A 145 5.34 -11.41 10.23
C VAL A 145 5.48 -11.34 8.70
N PHE A 146 6.61 -10.82 8.22
CA PHE A 146 6.90 -10.78 6.80
C PHE A 146 7.00 -12.26 6.31
N GLY A 147 6.20 -12.61 5.30
CA GLY A 147 6.13 -13.95 4.74
C GLY A 147 4.97 -14.80 5.21
N VAL A 148 4.15 -14.27 6.12
CA VAL A 148 2.98 -14.97 6.66
C VAL A 148 1.72 -14.27 6.18
N GLY A 149 0.92 -14.99 5.41
CA GLY A 149 -0.35 -14.48 4.92
C GLY A 149 -1.52 -15.19 5.59
N LEU A 150 -2.72 -15.00 5.02
CA LEU A 150 -3.98 -15.53 5.54
C LEU A 150 -3.98 -17.04 5.68
N LYS A 151 -3.46 -17.78 4.69
CA LYS A 151 -3.44 -19.24 4.73
C LYS A 151 -2.55 -19.82 5.86
N THR A 152 -1.31 -19.30 6.01
CA THR A 152 -0.40 -19.78 7.06
C THR A 152 -0.92 -19.36 8.45
N ALA A 153 -1.49 -18.15 8.58
CA ALA A 153 -2.06 -17.68 9.85
C ALA A 153 -3.19 -18.58 10.29
N GLU A 154 -4.07 -18.99 9.34
CA GLU A 154 -5.20 -19.89 9.58
C GLU A 154 -4.70 -21.27 10.01
N LYS A 155 -3.66 -21.79 9.32
CA LYS A 155 -3.05 -23.07 9.59
C LYS A 155 -2.52 -23.13 11.03
N TRP A 156 -1.74 -22.10 11.44
CA TRP A 156 -1.16 -22.03 12.77
C TRP A 156 -2.23 -21.93 13.84
N PHE A 157 -3.29 -21.12 13.59
CA PHE A 157 -4.40 -20.95 14.52
C PHE A 157 -5.08 -22.31 14.79
N ARG A 158 -5.35 -23.07 13.72
CA ARG A 158 -6.02 -24.36 13.81
C ARG A 158 -5.11 -25.46 14.41
N MET A 159 -3.80 -25.20 14.47
CA MET A 159 -2.85 -26.08 15.15
C MET A 159 -2.80 -25.77 16.63
N GLY A 160 -3.43 -24.66 17.06
CA GLY A 160 -3.49 -24.25 18.45
C GLY A 160 -2.46 -23.21 18.86
N PHE A 161 -1.70 -22.64 17.90
CA PHE A 161 -0.73 -21.57 18.21
C PHE A 161 -1.44 -20.23 18.44
N ARG A 162 -0.96 -19.47 19.44
CA ARG A 162 -1.53 -18.17 19.80
C ARG A 162 -0.44 -17.11 19.94
N THR A 163 0.84 -17.51 20.08
CA THR A 163 1.91 -16.53 20.25
C THR A 163 3.03 -16.78 19.26
N LEU A 164 3.78 -15.72 18.91
CA LEU A 164 4.91 -15.80 17.98
C LEU A 164 6.09 -16.56 18.64
N SER A 165 6.25 -16.42 19.96
CA SER A 165 7.30 -17.15 20.69
C SER A 165 7.13 -18.69 20.53
N LYS A 166 5.89 -19.18 20.65
CA LYS A 166 5.60 -20.60 20.52
C LYS A 166 5.79 -21.06 19.06
N ILE A 167 5.50 -20.20 18.09
CA ILE A 167 5.69 -20.55 16.67
C ILE A 167 7.21 -20.68 16.35
N GLN A 168 8.01 -19.65 16.69
CA GLN A 168 9.46 -19.58 16.43
C GLN A 168 10.27 -20.68 17.08
N SER A 169 9.87 -21.09 18.28
CA SER A 169 10.62 -22.09 19.03
C SER A 169 10.14 -23.51 18.73
N ASP A 170 9.06 -23.68 17.94
CA ASP A 170 8.53 -25.03 17.67
C ASP A 170 9.54 -25.82 16.81
N LYS A 171 9.77 -27.09 17.14
CA LYS A 171 10.80 -27.89 16.45
C LYS A 171 10.23 -28.72 15.28
N SER A 172 8.90 -28.74 15.10
CA SER A 172 8.29 -29.48 14.00
C SER A 172 7.90 -28.57 12.86
N LEU A 173 7.67 -27.28 13.13
CA LEU A 173 7.29 -26.32 12.07
C LEU A 173 8.41 -26.10 11.06
N ARG A 174 8.04 -25.90 9.80
CA ARG A 174 8.96 -25.60 8.70
C ARG A 174 8.59 -24.26 8.14
N PHE A 175 9.60 -23.40 8.01
CA PHE A 175 9.42 -22.02 7.57
C PHE A 175 10.00 -21.75 6.20
N THR A 176 9.34 -20.88 5.42
CA THR A 176 9.84 -20.44 4.11
C THR A 176 11.01 -19.46 4.36
N GLN A 177 11.84 -19.21 3.37
CA GLN A 177 12.96 -18.27 3.48
C GLN A 177 12.45 -16.85 3.84
N MET A 178 11.29 -16.45 3.31
CA MET A 178 10.64 -15.17 3.60
C MET A 178 10.26 -15.06 5.09
N GLN A 179 9.68 -16.13 5.67
CA GLN A 179 9.27 -16.20 7.08
C GLN A 179 10.47 -16.18 8.01
N LYS A 180 11.58 -16.87 7.61
CA LYS A 180 12.83 -16.87 8.38
C LYS A 180 13.32 -15.44 8.56
N ALA A 181 13.33 -14.66 7.46
CA ALA A 181 13.73 -13.25 7.47
C ALA A 181 12.71 -12.41 8.27
N GLY A 182 11.42 -12.72 8.12
CA GLY A 182 10.33 -12.09 8.84
C GLY A 182 10.50 -12.23 10.34
N PHE A 183 10.93 -13.43 10.81
CA PHE A 183 11.16 -13.67 12.23
C PHE A 183 12.48 -13.07 12.71
N LEU A 184 13.56 -13.21 11.91
CA LEU A 184 14.89 -12.71 12.30
C LEU A 184 14.91 -11.18 12.50
N TYR A 185 14.21 -10.43 11.63
CA TYR A 185 14.18 -8.97 11.67
C TYR A 185 12.82 -8.42 12.14
N TYR A 186 12.01 -9.25 12.82
CA TYR A 186 10.66 -8.91 13.27
C TYR A 186 10.53 -7.54 13.98
N GLU A 187 11.29 -7.31 15.07
CA GLU A 187 11.20 -6.08 15.87
C GLU A 187 11.50 -4.83 15.05
N ASP A 188 12.52 -4.87 14.16
CA ASP A 188 12.83 -3.75 13.27
C ASP A 188 11.70 -3.50 12.28
N LEU A 189 11.13 -4.58 11.68
CA LEU A 189 10.07 -4.47 10.69
C LEU A 189 8.72 -4.03 11.32
N VAL A 190 8.47 -4.32 12.60
CA VAL A 190 7.21 -3.85 13.23
C VAL A 190 7.35 -2.39 13.75
N SER A 191 8.56 -1.92 13.85
CA SER A 191 8.85 -0.58 14.20
C SER A 191 8.72 0.32 12.96
N CYS A 192 7.89 1.31 13.01
CA CYS A 192 7.66 2.10 11.81
C CYS A 192 8.96 2.72 11.17
N VAL A 193 9.10 2.79 9.83
CA VAL A 193 10.08 3.66 9.25
C VAL A 193 9.63 5.12 9.37
N ASN A 194 10.54 5.99 9.74
CA ASN A 194 10.22 7.40 9.77
C ASN A 194 10.80 8.10 8.51
N ARG A 195 10.59 9.44 8.34
CA ARG A 195 11.02 10.15 7.12
C ARG A 195 12.54 10.23 7.02
N PRO A 196 13.32 10.58 8.08
CA PRO A 196 14.80 10.53 7.96
C PRO A 196 15.30 9.15 7.49
N GLU A 197 14.70 8.04 7.98
CA GLU A 197 15.07 6.68 7.54
C GLU A 197 14.69 6.45 6.07
N ALA A 198 13.46 6.84 5.66
CA ALA A 198 13.01 6.73 4.26
C ALA A 198 13.95 7.53 3.32
N GLU A 199 14.36 8.73 3.72
CA GLU A 199 15.28 9.56 2.92
C GLU A 199 16.64 8.91 2.82
N ALA A 200 17.11 8.26 3.91
CA ALA A 200 18.41 7.59 3.93
C ALA A 200 18.36 6.42 2.96
N VAL A 201 17.22 5.70 2.92
CA VAL A 201 17.01 4.59 1.98
C VAL A 201 16.99 5.15 0.56
N SER A 202 16.26 6.27 0.32
CA SER A 202 16.21 6.90 -1.00
C SER A 202 17.60 7.18 -1.56
N MET A 203 18.51 7.70 -0.73
CA MET A 203 19.90 8.00 -1.08
C MET A 203 20.63 6.73 -1.51
N LEU A 204 20.49 5.63 -0.73
CA LEU A 204 21.06 4.32 -1.03
C LEU A 204 20.56 3.82 -2.40
N VAL A 205 19.23 3.89 -2.64
CA VAL A 205 18.60 3.43 -3.88
C VAL A 205 19.16 4.24 -5.05
N LYS A 206 19.11 5.58 -4.95
CA LYS A 206 19.58 6.46 -6.03
C LYS A 206 21.05 6.23 -6.34
N GLU A 207 21.95 6.16 -5.30
CA GLU A 207 23.38 5.89 -5.45
C GLU A 207 23.66 4.60 -6.19
N ALA A 208 22.94 3.50 -5.84
CA ALA A 208 23.08 2.18 -6.46
C ALA A 208 22.58 2.20 -7.90
N VAL A 209 21.38 2.71 -8.14
CA VAL A 209 20.72 2.75 -9.45
C VAL A 209 21.56 3.55 -10.51
N VAL A 210 22.00 4.79 -10.19
CA VAL A 210 22.74 5.65 -11.15
C VAL A 210 24.13 5.06 -11.48
N THR A 211 24.65 4.14 -10.63
CA THR A 211 25.91 3.44 -10.86
C THR A 211 25.80 2.59 -12.15
N PHE A 212 24.61 2.02 -12.40
CA PHE A 212 24.36 1.15 -13.57
C PHE A 212 23.56 1.84 -14.69
N LEU A 213 22.62 2.76 -14.35
CA LEU A 213 21.81 3.54 -15.28
C LEU A 213 21.87 5.02 -14.86
N PRO A 214 22.87 5.81 -15.34
CA PRO A 214 22.98 7.20 -14.87
C PRO A 214 21.81 8.13 -15.27
N ASP A 215 21.02 7.78 -16.30
CA ASP A 215 19.86 8.61 -16.69
C ASP A 215 18.55 8.19 -15.96
N ALA A 216 18.62 7.23 -15.03
CA ALA A 216 17.43 6.72 -14.37
C ALA A 216 16.78 7.72 -13.43
N LEU A 217 15.44 7.68 -13.41
CA LEU A 217 14.60 8.49 -12.55
C LEU A 217 14.07 7.58 -11.46
N VAL A 218 14.35 7.95 -10.20
CA VAL A 218 13.94 7.19 -9.01
C VAL A 218 12.96 8.04 -8.23
N THR A 219 11.75 7.51 -7.97
CA THR A 219 10.72 8.23 -7.23
C THR A 219 10.25 7.42 -6.07
N MET A 220 10.22 8.03 -4.87
CA MET A 220 9.66 7.41 -3.69
C MET A 220 8.14 7.44 -3.84
N THR A 221 7.49 6.27 -3.77
CA THR A 221 6.04 6.21 -3.92
C THR A 221 5.41 5.86 -2.57
N GLY A 222 4.26 5.18 -2.59
CA GLY A 222 3.55 4.75 -1.39
C GLY A 222 3.17 5.89 -0.46
N GLY A 223 3.00 5.54 0.81
CA GLY A 223 2.59 6.44 1.89
C GLY A 223 3.42 7.69 2.07
N PHE A 224 4.75 7.57 1.95
CA PHE A 224 5.66 8.71 2.12
C PHE A 224 5.42 9.76 1.05
N ARG A 225 5.07 9.32 -0.20
CA ARG A 225 4.75 10.26 -1.27
C ARG A 225 3.43 10.99 -0.97
N ARG A 226 2.53 10.35 -0.21
CA ARG A 226 1.25 10.94 0.21
C ARG A 226 1.39 11.82 1.48
N GLY A 227 2.63 12.05 1.93
CA GLY A 227 2.92 12.92 3.07
C GLY A 227 3.02 12.28 4.44
N LYS A 228 2.91 10.93 4.53
CA LYS A 228 2.93 10.24 5.83
C LYS A 228 4.26 10.42 6.54
N MET A 229 4.19 10.56 7.86
CA MET A 229 5.37 10.69 8.72
C MET A 229 6.02 9.32 8.94
N THR A 230 5.24 8.25 8.85
CA THR A 230 5.74 6.89 9.07
C THR A 230 5.17 5.92 8.05
N GLY A 231 5.77 4.74 7.98
CA GLY A 231 5.32 3.65 7.09
C GLY A 231 5.91 2.33 7.51
N HIS A 232 5.39 1.22 6.98
CA HIS A 232 5.91 -0.12 7.28
C HIS A 232 7.12 -0.44 6.40
N ASP A 233 7.21 0.26 5.26
CA ASP A 233 8.24 0.06 4.26
C ASP A 233 8.46 1.34 3.45
N VAL A 234 9.42 1.28 2.50
CA VAL A 234 9.74 2.37 1.60
C VAL A 234 9.66 1.82 0.18
N ASP A 235 8.82 2.42 -0.66
CA ASP A 235 8.62 1.99 -2.04
C ASP A 235 9.16 2.97 -3.02
N PHE A 236 9.71 2.46 -4.14
CA PHE A 236 10.31 3.28 -5.18
C PHE A 236 9.91 2.80 -6.56
N LEU A 237 9.81 3.76 -7.46
CA LEU A 237 9.57 3.49 -8.87
C LEU A 237 10.80 3.95 -9.59
N ILE A 238 11.34 3.08 -10.43
CA ILE A 238 12.55 3.35 -11.20
C ILE A 238 12.19 3.25 -12.68
N THR A 239 12.68 4.23 -13.47
CA THR A 239 12.45 4.23 -14.91
C THR A 239 13.64 4.91 -15.61
N SER A 240 13.90 4.52 -16.85
CA SER A 240 15.00 5.11 -17.60
C SER A 240 14.58 5.47 -19.02
N PRO A 241 14.73 6.74 -19.45
CA PRO A 241 14.33 7.10 -20.82
C PRO A 241 15.15 6.45 -21.95
N GLU A 242 16.42 6.07 -21.70
CA GLU A 242 17.24 5.49 -22.78
C GLU A 242 17.57 3.99 -22.63
N ALA A 243 17.36 3.37 -21.44
CA ALA A 243 17.67 1.94 -21.25
C ALA A 243 16.93 1.02 -22.25
N THR A 244 17.59 -0.05 -22.67
CA THR A 244 16.98 -1.05 -23.56
C THR A 244 16.06 -1.99 -22.73
N GLU A 245 15.35 -2.93 -23.39
CA GLU A 245 14.49 -3.90 -22.73
C GLU A 245 15.31 -4.79 -21.77
N ASP A 246 16.52 -5.19 -22.21
CA ASP A 246 17.47 -6.01 -21.45
C ASP A 246 18.09 -5.22 -20.30
N GLU A 247 18.50 -3.96 -20.54
CA GLU A 247 19.08 -3.11 -19.50
C GLU A 247 18.08 -2.88 -18.37
N GLU A 248 16.80 -2.68 -18.75
CA GLU A 248 15.66 -2.50 -17.84
C GLU A 248 15.47 -3.73 -17.00
N GLN A 249 15.68 -4.91 -17.59
CA GLN A 249 15.50 -6.20 -16.91
C GLN A 249 16.63 -6.43 -15.91
N GLN A 250 17.85 -6.04 -16.24
CA GLN A 250 19.04 -6.31 -15.45
C GLN A 250 19.30 -5.37 -14.27
N LEU A 251 18.74 -4.15 -14.30
CA LEU A 251 19.02 -3.17 -13.26
C LEU A 251 18.78 -3.69 -11.81
N LEU A 252 17.60 -4.30 -11.53
CA LEU A 252 17.30 -4.74 -10.16
C LEU A 252 18.27 -5.85 -9.70
N HIS A 253 18.75 -6.72 -10.64
CA HIS A 253 19.74 -7.77 -10.37
C HIS A 253 21.09 -7.12 -10.04
N LYS A 254 21.53 -6.11 -10.82
CA LYS A 254 22.79 -5.40 -10.61
C LYS A 254 22.81 -4.66 -9.26
N VAL A 255 21.73 -3.94 -8.96
CA VAL A 255 21.60 -3.14 -7.72
C VAL A 255 21.61 -4.05 -6.48
N THR A 256 20.88 -5.19 -6.50
CA THR A 256 20.81 -6.10 -5.36
C THR A 256 22.14 -6.88 -5.20
N ASP A 257 22.85 -7.24 -6.31
CA ASP A 257 24.14 -7.92 -6.20
C ASP A 257 25.16 -6.94 -5.57
N PHE A 258 25.10 -5.65 -5.97
CA PHE A 258 25.95 -4.59 -5.42
C PHE A 258 25.77 -4.49 -3.90
N TRP A 259 24.50 -4.49 -3.43
CA TRP A 259 24.16 -4.44 -2.00
C TRP A 259 24.59 -5.72 -1.28
N LYS A 260 24.47 -6.89 -1.94
CA LYS A 260 24.89 -8.19 -1.40
C LYS A 260 26.41 -8.16 -1.12
N GLN A 261 27.20 -7.60 -2.05
CA GLN A 261 28.65 -7.40 -1.94
C GLN A 261 28.99 -6.46 -0.79
N GLN A 262 28.13 -5.43 -0.55
CA GLN A 262 28.30 -4.42 0.51
C GLN A 262 27.86 -4.92 1.90
N GLY A 263 27.19 -6.07 1.91
CA GLY A 263 26.67 -6.69 3.13
C GLY A 263 25.44 -5.98 3.63
N LEU A 264 24.63 -5.40 2.71
CA LEU A 264 23.43 -4.64 3.04
C LEU A 264 22.14 -5.37 2.69
N LEU A 265 22.24 -6.43 1.88
CA LEU A 265 21.08 -7.19 1.46
C LEU A 265 20.77 -8.28 2.48
N LEU A 266 19.70 -8.07 3.27
CA LEU A 266 19.26 -8.99 4.30
C LEU A 266 18.25 -9.97 3.75
N TYR A 267 17.47 -9.56 2.76
CA TYR A 267 16.48 -10.41 2.09
C TYR A 267 16.26 -9.85 0.71
N CYS A 268 16.04 -10.74 -0.28
CA CYS A 268 15.79 -10.30 -1.65
C CYS A 268 14.97 -11.30 -2.41
N ASP A 269 13.90 -10.82 -3.06
CA ASP A 269 13.03 -11.62 -3.91
C ASP A 269 12.68 -10.77 -5.12
N ILE A 270 13.17 -11.17 -6.30
CA ILE A 270 12.92 -10.43 -7.54
C ILE A 270 11.87 -11.16 -8.34
N LEU A 271 10.78 -10.48 -8.67
CA LEU A 271 9.71 -11.02 -9.51
C LEU A 271 9.91 -10.50 -10.90
N GLU A 272 10.16 -11.41 -11.86
CA GLU A 272 10.39 -11.04 -13.24
C GLU A 272 9.14 -10.44 -13.84
N SER A 273 9.31 -9.55 -14.81
CA SER A 273 8.19 -8.89 -15.48
C SER A 273 7.39 -9.87 -16.33
N THR A 274 6.08 -9.69 -16.37
CA THR A 274 5.16 -10.44 -17.23
C THR A 274 4.39 -9.39 -18.07
N PHE A 275 4.95 -8.16 -18.12
CA PHE A 275 4.39 -7.00 -18.81
C PHE A 275 4.17 -7.29 -20.29
N GLU A 276 2.98 -6.89 -20.78
CA GLU A 276 2.59 -7.03 -22.18
C GLU A 276 2.23 -5.64 -22.71
N LYS A 277 3.08 -5.15 -23.61
CA LYS A 277 3.03 -3.82 -24.22
C LYS A 277 1.66 -3.51 -24.88
N PHE A 278 1.03 -4.50 -25.53
CA PHE A 278 -0.21 -4.25 -26.27
C PHE A 278 -1.49 -4.93 -25.66
N LYS A 279 -1.43 -5.42 -24.41
CA LYS A 279 -2.62 -6.01 -23.78
C LYS A 279 -3.55 -4.91 -23.21
N GLN A 280 -4.88 -5.15 -23.22
CA GLN A 280 -5.88 -4.24 -22.61
C GLN A 280 -5.63 -4.15 -21.08
N PRO A 281 -5.93 -3.05 -20.39
CA PRO A 281 -5.74 -3.03 -18.92
C PRO A 281 -6.68 -4.02 -18.22
N SER A 282 -6.23 -4.51 -17.08
CA SER A 282 -6.91 -5.53 -16.28
C SER A 282 -8.27 -5.05 -15.76
N ARG A 283 -9.22 -5.98 -15.60
CA ARG A 283 -10.54 -5.73 -15.03
C ARG A 283 -10.54 -6.21 -13.55
N LYS A 284 -9.55 -7.05 -13.17
CA LYS A 284 -9.35 -7.64 -11.83
C LYS A 284 -9.16 -6.57 -10.75
N VAL A 285 -9.64 -6.88 -9.53
CA VAL A 285 -9.52 -6.01 -8.36
C VAL A 285 -8.60 -6.68 -7.36
N ALA A 287 -4.79 -7.47 -6.79
CA ALA A 287 -3.86 -8.17 -7.70
C ALA A 287 -2.59 -7.36 -7.96
N LEU A 288 -1.47 -8.06 -8.20
CA LEU A 288 -0.20 -7.43 -8.53
C LEU A 288 -0.13 -6.97 -10.00
N ASP A 289 0.62 -5.89 -10.23
CA ASP A 289 0.90 -5.41 -11.54
C ASP A 289 1.94 -6.34 -12.16
N HIS A 290 2.18 -6.20 -13.43
CA HIS A 290 3.03 -7.11 -14.17
C HIS A 290 4.47 -6.61 -14.36
N PHE A 291 4.83 -5.48 -13.76
CA PHE A 291 6.18 -4.95 -13.90
C PHE A 291 7.18 -5.76 -13.08
N GLN A 292 8.46 -5.73 -13.49
CA GLN A 292 9.53 -6.35 -12.71
C GLN A 292 9.63 -5.61 -11.36
N LYS A 293 9.68 -6.38 -10.26
CA LYS A 293 9.74 -5.76 -8.94
C LYS A 293 10.53 -6.62 -7.98
N CYS A 294 10.95 -6.01 -6.86
CA CYS A 294 11.65 -6.78 -5.85
C CYS A 294 11.23 -6.32 -4.48
N PHE A 295 11.11 -7.30 -3.59
CA PHE A 295 10.75 -7.15 -2.20
C PHE A 295 12.01 -7.42 -1.42
N LEU A 296 12.49 -6.40 -0.74
CA LEU A 296 13.77 -6.46 -0.06
C LEU A 296 13.69 -6.09 1.39
N ILE A 297 14.75 -6.49 2.09
CA ILE A 297 15.07 -6.08 3.45
C ILE A 297 16.50 -5.56 3.36
N LEU A 298 16.70 -4.27 3.66
CA LEU A 298 18.05 -3.70 3.63
C LEU A 298 18.57 -3.38 5.02
N LYS A 299 19.89 -3.42 5.17
CA LYS A 299 20.60 -3.03 6.39
C LYS A 299 20.86 -1.53 6.32
N LEU A 300 20.16 -0.74 7.15
CA LEU A 300 20.32 0.69 7.20
C LEU A 300 21.18 1.11 8.39
N ASP A 301 22.45 1.49 8.13
CA ASP A 301 23.38 1.95 9.16
C ASP A 301 22.90 3.26 9.75
N HIS A 302 22.96 3.40 11.09
CA HIS A 302 22.50 4.61 11.80
C HIS A 302 23.24 5.89 11.33
N GLY A 303 24.51 5.77 10.94
CA GLY A 303 25.32 6.87 10.44
C GLY A 303 24.75 7.59 9.22
N ARG A 304 23.95 6.87 8.40
CA ARG A 304 23.32 7.34 7.17
C ARG A 304 22.02 8.12 7.42
N VAL A 305 21.45 8.00 8.63
CA VAL A 305 20.18 8.63 9.01
C VAL A 305 20.45 10.00 9.64
N HIS A 306 19.90 11.08 9.06
CA HIS A 306 20.07 12.45 9.56
C HIS A 306 18.80 12.88 10.27
N SER A 307 18.66 12.44 11.51
CA SER A 307 17.48 12.75 12.31
C SER A 307 17.87 13.57 13.53
N GLU A 308 16.89 13.86 14.39
CA GLU A 308 17.13 14.60 15.64
C GLU A 308 17.79 13.69 16.66
N LYS A 309 17.49 12.37 16.59
CA LYS A 309 18.05 11.32 17.45
C LYS A 309 19.30 10.71 16.79
N SER A 310 20.35 11.55 16.60
CA SER A 310 21.59 11.13 15.91
C SER A 310 22.79 11.84 16.52
N GLY A 315 21.74 0.95 19.98
CA GLY A 315 21.78 -0.52 20.05
C GLY A 315 22.82 -1.13 19.14
N LYS A 316 22.38 -1.99 18.18
CA LYS A 316 23.26 -2.69 17.21
C LYS A 316 23.91 -1.73 16.18
N GLY A 317 23.38 -0.51 16.05
CA GLY A 317 23.90 0.49 15.14
C GLY A 317 23.33 0.49 13.73
N TRP A 318 22.30 -0.32 13.49
CA TRP A 318 21.63 -0.44 12.19
C TRP A 318 20.18 -0.92 12.38
N LYS A 319 19.35 -0.72 11.34
CA LYS A 319 17.94 -1.12 11.37
C LYS A 319 17.58 -1.82 10.06
N ALA A 320 16.83 -2.93 10.16
CA ALA A 320 16.31 -3.67 8.99
C ALA A 320 15.11 -2.90 8.46
N ILE A 321 15.09 -2.66 7.14
CA ILE A 321 14.05 -1.85 6.50
C ILE A 321 13.47 -2.61 5.32
N ARG A 322 12.15 -2.66 5.25
CA ARG A 322 11.48 -3.26 4.10
C ARG A 322 11.50 -2.23 2.97
N VAL A 323 11.98 -2.64 1.80
CA VAL A 323 12.09 -1.78 0.63
C VAL A 323 11.50 -2.51 -0.58
N ASP A 324 10.61 -1.84 -1.34
CA ASP A 324 10.11 -2.38 -2.60
C ASP A 324 10.57 -1.53 -3.74
N LEU A 325 11.14 -2.15 -4.78
CA LEU A 325 11.58 -1.46 -5.98
C LEU A 325 10.80 -1.99 -7.16
N VAL A 326 10.31 -1.09 -7.99
CA VAL A 326 9.54 -1.40 -9.20
C VAL A 326 10.24 -0.74 -10.39
N MET A 327 10.47 -1.51 -11.45
CA MET A 327 11.04 -1.01 -12.68
C MET A 327 9.95 -1.01 -13.76
N CYS A 328 9.76 0.11 -14.45
CA CYS A 328 8.75 0.13 -15.51
C CYS A 328 9.29 0.76 -16.76
N PRO A 329 8.70 0.44 -17.94
CA PRO A 329 9.13 1.11 -19.18
C PRO A 329 8.82 2.60 -19.11
N TYR A 330 9.70 3.42 -19.65
CA TYR A 330 9.60 4.87 -19.60
C TYR A 330 8.22 5.44 -19.97
N ASP A 331 7.59 4.95 -21.04
CA ASP A 331 6.30 5.45 -21.53
C ASP A 331 5.13 5.15 -20.58
N ARG A 332 5.29 4.17 -19.66
CA ARG A 332 4.23 3.82 -18.71
C ARG A 332 4.48 4.40 -17.30
N ARG A 333 5.53 5.25 -17.15
CA ARG A 333 5.90 5.80 -15.84
C ARG A 333 4.77 6.53 -15.10
N ALA A 334 3.90 7.26 -15.80
CA ALA A 334 2.80 7.98 -15.13
C ALA A 334 1.77 7.01 -14.57
N PHE A 335 1.46 5.92 -15.30
CA PHE A 335 0.48 4.93 -14.86
C PHE A 335 1.00 4.17 -13.65
N ALA A 336 2.29 3.79 -13.68
CA ALA A 336 2.94 3.06 -12.58
C ALA A 336 3.02 3.95 -11.31
N LEU A 337 3.41 5.23 -11.48
CA LEU A 337 3.50 6.21 -10.38
C LEU A 337 2.13 6.40 -9.71
N LEU A 338 1.09 6.55 -10.52
CA LEU A 338 -0.27 6.70 -10.04
C LEU A 338 -0.71 5.46 -9.26
N GLY A 339 -0.47 4.26 -9.79
CA GLY A 339 -0.80 3.01 -9.10
C GLY A 339 -0.01 2.78 -7.83
N TRP A 340 1.30 3.11 -7.82
CA TRP A 340 2.13 2.87 -6.64
C TRP A 340 2.05 3.97 -5.58
N THR A 341 1.45 5.14 -5.90
CA THR A 341 1.34 6.21 -4.93
C THR A 341 0.22 5.88 -3.95
N GLY A 342 -0.82 5.24 -4.43
CA GLY A 342 -1.99 4.85 -3.63
C GLY A 342 -2.85 6.02 -3.20
N SER A 343 -3.60 5.93 -2.08
CA SER A 343 -3.75 4.79 -1.16
C SER A 343 -4.45 3.63 -1.87
N ARG A 344 -4.52 2.46 -1.22
CA ARG A 344 -5.22 1.31 -1.79
C ARG A 344 -6.67 1.67 -2.18
N GLN A 345 -7.42 2.37 -1.29
CA GLN A 345 -8.80 2.75 -1.57
C GLN A 345 -8.90 3.76 -2.71
N PHE A 346 -7.96 4.74 -2.76
CA PHE A 346 -7.94 5.70 -3.86
C PHE A 346 -7.78 4.96 -5.20
N GLU A 347 -6.89 3.93 -5.27
CA GLU A 347 -6.66 3.12 -6.50
C GLU A 347 -7.93 2.35 -6.90
N ARG A 348 -8.56 1.65 -5.94
CA ARG A 348 -9.81 0.92 -6.18
C ARG A 348 -10.90 1.83 -6.76
N ASP A 349 -11.11 3.03 -6.17
CA ASP A 349 -12.11 3.98 -6.67
C ASP A 349 -11.75 4.60 -8.01
N LEU A 350 -10.45 4.87 -8.26
CA LEU A 350 -9.99 5.37 -9.56
C LEU A 350 -10.38 4.43 -10.70
N ARG A 351 -10.13 3.13 -10.48
CA ARG A 351 -10.40 2.08 -11.47
C ARG A 351 -11.89 1.86 -11.64
N ARG A 352 -12.65 1.96 -10.52
CA ARG A 352 -14.10 1.79 -10.52
C ARG A 352 -14.74 2.97 -11.25
N TYR A 353 -14.31 4.20 -10.95
CA TYR A 353 -14.77 5.42 -11.65
C TYR A 353 -14.48 5.29 -13.15
N ALA A 354 -13.22 4.98 -13.52
CA ALA A 354 -12.87 4.85 -14.96
C ALA A 354 -13.82 3.89 -15.69
N THR A 355 -14.13 2.73 -15.09
CA THR A 355 -14.97 1.71 -15.71
C THR A 355 -16.44 2.11 -15.77
N HIS A 356 -17.06 2.39 -14.61
N HIS A 356 -17.06 2.39 -14.61
CA HIS A 356 -18.50 2.66 -14.52
CA HIS A 356 -18.49 2.68 -14.52
C HIS A 356 -18.93 4.02 -15.01
C HIS A 356 -18.87 4.01 -15.11
N GLU A 357 -18.08 5.07 -14.86
CA GLU A 357 -18.43 6.44 -15.31
C GLU A 357 -17.89 6.90 -16.65
N ARG A 358 -16.72 6.39 -17.10
N ARG A 358 -16.73 6.37 -17.10
CA ARG A 358 -16.13 6.86 -18.34
CA ARG A 358 -16.11 6.84 -18.34
C ARG A 358 -15.93 5.76 -19.38
C ARG A 358 -15.95 5.75 -19.39
N LYS A 359 -16.31 4.49 -19.04
CA LYS A 359 -16.16 3.30 -19.92
C LYS A 359 -14.69 3.22 -20.38
N MET A 360 -13.79 3.44 -19.42
CA MET A 360 -12.35 3.39 -19.60
C MET A 360 -11.79 2.29 -18.72
N MET A 361 -10.67 1.70 -19.13
CA MET A 361 -10.04 0.62 -18.38
C MET A 361 -8.68 1.10 -17.92
N LEU A 362 -8.50 1.24 -16.62
CA LEU A 362 -7.27 1.75 -16.05
C LEU A 362 -6.61 0.71 -15.15
N ASP A 363 -5.27 0.62 -15.21
CA ASP A 363 -4.46 -0.18 -14.29
C ASP A 363 -3.08 0.52 -14.21
N ASN A 364 -2.08 -0.13 -13.60
CA ASN A 364 -0.74 0.42 -13.41
C ASN A 364 0.06 0.53 -14.70
N HIS A 365 -0.40 -0.07 -15.80
CA HIS A 365 0.36 -0.10 -17.06
C HIS A 365 -0.23 0.79 -18.15
N ALA A 366 -1.55 1.05 -18.13
CA ALA A 366 -2.18 1.79 -19.23
C ALA A 366 -3.59 2.28 -18.92
N LEU A 367 -4.12 3.11 -19.83
CA LEU A 367 -5.47 3.64 -19.83
C LEU A 367 -6.06 3.43 -21.21
N TYR A 368 -7.16 2.68 -21.28
CA TYR A 368 -7.80 2.35 -22.54
C TYR A 368 -9.20 2.88 -22.57
N ASP A 369 -9.57 3.54 -23.69
CA ASP A 369 -10.88 4.12 -23.94
C ASP A 369 -11.68 3.14 -24.80
N ARG A 370 -12.69 2.47 -24.21
CA ARG A 370 -13.51 1.47 -24.92
C ARG A 370 -14.43 2.08 -25.99
N THR A 371 -14.80 3.37 -25.86
CA THR A 371 -15.66 4.04 -26.83
C THR A 371 -14.84 4.49 -28.04
N LYS A 372 -13.70 5.14 -27.81
CA LYS A 372 -12.80 5.62 -28.87
C LYS A 372 -11.93 4.47 -29.43
N ARG A 373 -11.86 3.32 -28.71
CA ARG A 373 -11.09 2.13 -29.06
C ARG A 373 -9.62 2.47 -29.22
N VAL A 374 -9.10 3.27 -28.30
CA VAL A 374 -7.71 3.71 -28.30
C VAL A 374 -7.11 3.71 -26.91
N PHE A 375 -5.78 3.45 -26.84
CA PHE A 375 -5.02 3.63 -25.59
C PHE A 375 -4.72 5.12 -25.47
N LEU A 376 -4.83 5.65 -24.27
CA LEU A 376 -4.58 7.05 -24.03
C LEU A 376 -3.19 7.19 -23.39
N GLU A 377 -2.38 8.07 -23.97
CA GLU A 377 -1.00 8.32 -23.50
C GLU A 377 -0.97 9.37 -22.41
N ALA A 378 0.03 9.31 -21.54
CA ALA A 378 0.23 10.28 -20.48
C ALA A 378 1.70 10.38 -20.11
N GLU A 379 2.19 11.59 -19.93
CA GLU A 379 3.57 11.81 -19.51
C GLU A 379 3.60 12.15 -18.01
N SER A 380 2.43 12.42 -17.41
CA SER A 380 2.27 12.79 -16.01
C SER A 380 0.95 12.29 -15.43
N GLU A 381 0.83 12.29 -14.08
CA GLU A 381 -0.43 11.91 -13.42
C GLU A 381 -1.55 12.89 -13.79
N GLU A 382 -1.21 14.19 -13.92
CA GLU A 382 -2.15 15.25 -14.29
C GLU A 382 -2.87 14.91 -15.59
N GLU A 383 -2.13 14.40 -16.60
CA GLU A 383 -2.70 14.00 -17.89
C GLU A 383 -3.66 12.81 -17.74
N ILE A 384 -3.38 11.86 -16.78
CA ILE A 384 -4.27 10.72 -16.55
C ILE A 384 -5.59 11.27 -15.98
N PHE A 385 -5.52 12.12 -14.95
CA PHE A 385 -6.71 12.72 -14.36
C PHE A 385 -7.52 13.50 -15.43
N ALA A 386 -6.84 14.31 -16.28
CA ALA A 386 -7.51 15.06 -17.35
C ALA A 386 -8.21 14.11 -18.34
N HIS A 387 -7.57 12.96 -18.74
CA HIS A 387 -8.20 11.96 -19.63
C HIS A 387 -9.50 11.40 -19.03
N LEU A 388 -9.53 11.22 -17.70
CA LEU A 388 -10.64 10.66 -16.95
C LEU A 388 -11.73 11.68 -16.64
N GLY A 389 -11.48 12.96 -16.90
CA GLY A 389 -12.45 14.01 -16.61
C GLY A 389 -12.53 14.32 -15.13
N LEU A 390 -11.40 14.10 -14.41
CA LEU A 390 -11.29 14.35 -12.98
C LEU A 390 -10.42 15.55 -12.68
N ASP A 391 -10.79 16.35 -11.64
CA ASP A 391 -9.93 17.43 -11.14
C ASP A 391 -8.70 16.76 -10.56
N TYR A 392 -7.54 17.34 -10.76
CA TYR A 392 -6.31 16.73 -10.27
C TYR A 392 -6.29 16.68 -8.74
N ILE A 393 -5.98 15.49 -8.18
CA ILE A 393 -5.89 15.28 -6.75
C ILE A 393 -4.40 15.14 -6.46
N GLU A 394 -3.84 16.02 -5.62
CA GLU A 394 -2.43 15.98 -5.23
C GLU A 394 -2.11 14.69 -4.47
N PRO A 395 -0.85 14.16 -4.50
CA PRO A 395 -0.56 12.92 -3.77
C PRO A 395 -0.96 12.95 -2.29
N TRP A 396 -0.72 14.08 -1.59
CA TRP A 396 -1.07 14.20 -0.17
C TRP A 396 -2.59 14.28 0.07
N GLU A 397 -3.38 14.33 -1.02
CA GLU A 397 -4.84 14.38 -0.96
C GLU A 397 -5.44 13.02 -1.35
N ARG A 398 -4.58 11.99 -1.49
CA ARG A 398 -5.02 10.66 -1.87
C ARG A 398 -5.01 9.69 -0.69
N ASN A 399 -5.11 10.20 0.54
CA ASN A 399 -5.05 9.35 1.75
C ASN A 399 -6.41 8.80 2.22
#